data_3BIZ
#
_entry.id   3BIZ
#
_cell.length_a   68.859
_cell.length_b   68.859
_cell.length_c   156.238
_cell.angle_alpha   90.00
_cell.angle_beta   90.00
_cell.angle_gamma   90.00
#
_symmetry.space_group_name_H-M   'P 41 21 2'
#
loop_
_entity.id
_entity.type
_entity.pdbx_description
1 polymer 'Wee1-like protein kinase'
2 non-polymer 'CHLORIDE ION'
3 non-polymer 4-(2-chlorophenyl)-8-[3-(dimethylamino)propoxy]-9-hydroxy-6-methylpyrrolo[3,4-c]carbazole-1,3(2H,6H)-dione
4 water water
#
_entity_poly.entity_id   1
_entity_poly.type   'polypeptide(L)'
_entity_poly.pdbx_seq_one_letter_code
;GAMKSRYTTEFHELEKIGSGEFGSVFKCVKRLDGCIYAIKRSKKPLAGSVDEQNALREVYAHAVLGQHSHVVRYFSAWAE
DDHMLIQNEYCNGGSLADAISENYRIMSYFKEAELKDLLLQVGRGLRYIHSMSLVHMDIKPSNIFISRTSIPNAASEEGD
EDDWASNKVMFKIGDLGHVTRISSPQVEEGDSRFLANEVLQENYTHLPKADIFALALTVVCAAGAEPLPRNGDQWHEIRQ
GRLPRIPQVLSQEFTELLKVMIHPDPERRPSAMALVKHSVLLSASRK
;
_entity_poly.pdbx_strand_id   A
#
loop_
_chem_comp.id
_chem_comp.type
_chem_comp.name
_chem_comp.formula
61E non-polymer 4-(2-chlorophenyl)-8-[3-(dimethylamino)propoxy]-9-hydroxy-6-methylpyrrolo[3,4-c]carbazole-1,3(2H,6H)-dione 'C26 H24 Cl N3 O4'
CL non-polymer 'CHLORIDE ION' 'Cl -1'
#
# COMPACT_ATOMS: atom_id res chain seq x y z
N SER A 5 6.25 -1.11 31.88
CA SER A 5 5.46 -1.22 30.56
C SER A 5 5.89 -2.38 29.65
N ARG A 6 4.92 -3.06 29.02
CA ARG A 6 5.23 -4.19 28.10
C ARG A 6 6.25 -3.84 27.02
N TYR A 7 6.01 -2.75 26.31
CA TYR A 7 6.95 -2.28 25.31
C TYR A 7 8.40 -2.23 25.79
N THR A 8 8.62 -1.65 26.98
CA THR A 8 9.97 -1.34 27.49
C THR A 8 10.63 -2.63 27.92
N THR A 9 9.83 -3.47 28.54
CA THR A 9 10.24 -4.73 29.09
C THR A 9 10.48 -5.83 28.04
N GLU A 10 9.66 -5.87 26.99
CA GLU A 10 9.66 -6.96 26.05
C GLU A 10 10.65 -6.70 24.90
N PHE A 11 10.93 -5.42 24.65
CA PHE A 11 11.62 -5.01 23.44
C PHE A 11 12.77 -4.09 23.74
N HIS A 12 13.84 -4.24 22.98
CA HIS A 12 14.88 -3.24 22.94
C HIS A 12 14.68 -2.34 21.72
N GLU A 13 14.34 -1.06 21.95
CA GLU A 13 14.22 -0.05 20.90
C GLU A 13 15.60 0.33 20.23
N LEU A 14 15.73 0.04 18.93
CA LEU A 14 16.98 0.20 18.20
C LEU A 14 17.07 1.59 17.59
N GLU A 15 15.98 2.02 16.95
CA GLU A 15 15.86 3.38 16.38
C GLU A 15 14.47 3.72 15.89
N LYS A 16 14.19 5.03 15.79
CA LYS A 16 12.97 5.50 15.21
C LYS A 16 13.11 5.43 13.69
N ILE A 17 12.12 4.82 13.00
CA ILE A 17 12.16 4.66 11.52
C ILE A 17 11.03 5.41 10.81
N GLY A 18 10.15 6.00 11.59
CA GLY A 18 9.07 6.70 10.97
C GLY A 18 8.36 7.55 11.97
N SER A 19 7.91 8.71 11.50
CA SER A 19 7.23 9.72 12.30
C SER A 19 5.92 10.06 11.64
N SER A 24 4.63 7.55 15.83
CA SER A 24 5.96 6.92 15.66
C SER A 24 6.10 5.41 15.43
N VAL A 25 7.06 5.06 14.59
CA VAL A 25 7.40 3.66 14.34
C VAL A 25 8.85 3.42 14.76
N PHE A 26 9.12 2.32 15.42
CA PHE A 26 10.46 2.00 15.84
C PHE A 26 10.89 0.62 15.38
N LYS A 27 12.17 0.48 15.09
CA LYS A 27 12.76 -0.82 14.83
C LYS A 27 13.18 -1.35 16.24
N CYS A 28 12.59 -2.49 16.65
CA CYS A 28 12.88 -3.08 17.97
C CYS A 28 13.32 -4.52 17.87
N VAL A 29 14.22 -4.94 18.78
CA VAL A 29 14.55 -6.36 19.00
C VAL A 29 13.69 -6.80 20.16
N LYS A 30 12.94 -7.91 19.96
CA LYS A 30 12.21 -8.51 21.03
C LYS A 30 13.22 -9.28 21.81
N ARG A 31 13.26 -9.10 23.13
CA ARG A 31 14.33 -9.69 23.92
C ARG A 31 14.29 -11.21 24.01
N LEU A 32 13.11 -11.80 24.08
CA LEU A 32 13.01 -13.23 24.21
C LEU A 32 13.38 -13.98 22.91
N ASP A 33 12.93 -13.48 21.76
CA ASP A 33 13.11 -14.23 20.53
C ASP A 33 14.29 -13.79 19.66
N GLY A 34 14.99 -12.73 20.08
CA GLY A 34 16.02 -12.20 19.26
C GLY A 34 15.67 -11.57 17.92
N CYS A 35 14.39 -11.49 17.52
CA CYS A 35 14.02 -10.87 16.24
C CYS A 35 13.72 -9.41 16.30
N ILE A 36 13.81 -8.82 15.11
CA ILE A 36 13.58 -7.41 14.88
C ILE A 36 12.18 -7.21 14.33
N TYR A 37 11.50 -6.21 14.87
CA TYR A 37 10.12 -5.94 14.52
C TYR A 37 9.99 -4.47 14.28
N ALA A 38 8.97 -4.09 13.50
CA ALA A 38 8.57 -2.70 13.39
C ALA A 38 7.41 -2.53 14.37
N ILE A 39 7.53 -1.61 15.30
CA ILE A 39 6.45 -1.37 16.26
C ILE A 39 5.96 0.09 16.06
N LYS A 40 4.67 0.24 15.74
CA LYS A 40 4.01 1.55 15.71
C LYS A 40 3.35 1.85 17.08
N ARG A 41 3.66 3.03 17.63
CA ARG A 41 3.16 3.49 18.95
C ARG A 41 2.38 4.76 18.60
N SER A 42 1.07 4.73 18.77
CA SER A 42 0.28 5.92 18.45
C SER A 42 -0.57 6.25 19.66
N LYS A 43 -1.06 7.48 19.74
CA LYS A 43 -1.79 7.86 20.97
C LYS A 43 -3.21 7.21 20.90
N LYS A 44 -3.65 6.59 22.01
CA LYS A 44 -4.90 5.81 22.06
C LYS A 44 -6.10 6.75 21.98
N PRO A 45 -7.03 6.56 21.00
CA PRO A 45 -8.12 7.55 20.75
C PRO A 45 -9.11 7.72 21.92
N SER A 49 -15.57 5.88 20.54
CA SER A 49 -15.32 6.88 19.49
C SER A 49 -15.07 6.33 18.08
N VAL A 50 -15.39 7.16 17.08
CA VAL A 50 -15.19 6.87 15.66
C VAL A 50 -13.72 6.71 15.33
N ASP A 51 -12.86 7.35 16.11
CA ASP A 51 -11.42 7.24 15.90
C ASP A 51 -10.86 5.93 16.44
N GLU A 52 -11.38 5.52 17.59
CA GLU A 52 -11.03 4.23 18.10
C GLU A 52 -11.47 3.07 17.16
N GLN A 53 -12.65 3.20 16.55
CA GLN A 53 -13.17 2.18 15.63
C GLN A 53 -12.24 2.06 14.45
N ASN A 54 -11.75 3.21 14.02
CA ASN A 54 -10.81 3.26 12.90
C ASN A 54 -9.47 2.64 13.33
N ALA A 55 -9.00 2.90 14.56
CA ALA A 55 -7.80 2.26 15.05
C ALA A 55 -7.98 0.74 15.15
N LEU A 56 -9.16 0.29 15.61
CA LEU A 56 -9.34 -1.12 15.81
C LEU A 56 -9.46 -1.86 14.47
N ARG A 57 -10.08 -1.24 13.44
CA ARG A 57 -10.10 -1.88 12.12
C ARG A 57 -8.71 -2.21 11.57
N GLU A 58 -7.70 -1.32 11.84
CA GLU A 58 -6.33 -1.63 11.43
C GLU A 58 -5.86 -3.01 12.01
N VAL A 59 -6.12 -3.18 13.31
CA VAL A 59 -5.79 -4.36 14.09
C VAL A 59 -6.56 -5.61 13.66
N TYR A 60 -7.87 -5.44 13.44
CA TYR A 60 -8.70 -6.49 12.92
C TYR A 60 -8.22 -6.85 11.56
N ALA A 61 -7.92 -5.86 10.71
CA ALA A 61 -7.46 -6.17 9.35
C ALA A 61 -6.17 -7.00 9.37
N HIS A 62 -5.19 -6.54 10.15
CA HIS A 62 -3.91 -7.23 10.32
C HIS A 62 -4.04 -8.62 10.81
N ALA A 63 -4.94 -8.81 11.75
CA ALA A 63 -5.13 -10.09 12.30
C ALA A 63 -5.90 -11.06 11.36
N VAL A 64 -6.33 -10.67 10.16
CA VAL A 64 -6.92 -11.69 9.28
C VAL A 64 -6.03 -11.76 8.06
N LEU A 65 -5.05 -10.87 7.99
CA LEU A 65 -4.22 -10.71 6.79
C LEU A 65 -2.77 -11.07 7.11
N GLY A 66 -2.57 -12.13 7.94
CA GLY A 66 -1.23 -12.59 8.37
C GLY A 66 -0.72 -13.88 7.73
N GLN A 67 -1.27 -14.25 6.62
CA GLN A 67 -0.92 -15.49 6.07
C GLN A 67 -0.14 -15.22 4.75
N HIS A 68 0.00 -13.97 4.32
CA HIS A 68 0.41 -13.75 2.93
C HIS A 68 1.81 -13.23 2.79
N SER A 69 2.57 -13.81 1.86
CA SER A 69 3.94 -13.25 1.64
C SER A 69 4.03 -11.85 1.10
N HIS A 70 2.95 -11.30 0.55
CA HIS A 70 3.01 -9.88 0.09
C HIS A 70 2.18 -8.92 0.90
N VAL A 71 1.89 -9.30 2.14
CA VAL A 71 1.30 -8.40 3.09
C VAL A 71 2.21 -8.51 4.31
N VAL A 72 2.64 -7.35 4.83
CA VAL A 72 3.37 -7.28 6.09
C VAL A 72 2.68 -8.12 7.20
N ARG A 73 3.43 -9.08 7.77
N ARG A 73 3.39 -9.06 7.79
CA ARG A 73 3.00 -9.97 8.88
CA ARG A 73 2.80 -9.88 8.84
C ARG A 73 2.75 -9.16 10.16
C ARG A 73 2.70 -9.13 10.14
N TYR A 74 1.69 -9.51 10.89
CA TYR A 74 1.36 -8.92 12.16
C TYR A 74 1.73 -9.94 13.21
N PHE A 75 2.29 -9.47 14.34
CA PHE A 75 2.50 -10.31 15.51
C PHE A 75 1.59 -10.05 16.69
N SER A 76 1.46 -8.78 17.09
CA SER A 76 0.72 -8.46 18.29
C SER A 76 0.35 -7.03 18.29
N ALA A 77 -0.63 -6.70 19.13
CA ALA A 77 -1.05 -5.35 19.37
C ALA A 77 -1.52 -5.30 20.81
N TRP A 78 -1.31 -4.15 21.42
CA TRP A 78 -1.76 -3.93 22.81
C TRP A 78 -1.89 -2.45 23.08
N ALA A 79 -2.45 -2.15 24.26
CA ALA A 79 -2.80 -0.82 24.71
C ALA A 79 -2.08 -0.66 26.04
N GLU A 80 -1.38 0.44 26.20
CA GLU A 80 -0.91 0.81 27.52
C GLU A 80 -0.56 2.29 27.55
N ASP A 81 -0.79 2.89 28.73
CA ASP A 81 -0.90 4.36 28.94
C ASP A 81 -2.12 4.86 28.18
N ASP A 82 -1.87 5.93 27.43
CA ASP A 82 -2.74 6.46 26.41
C ASP A 82 -2.05 6.17 25.07
N HIS A 83 -1.38 5.01 24.96
CA HIS A 83 -0.89 4.58 23.66
C HIS A 83 -1.44 3.26 23.17
N MET A 84 -1.67 3.17 21.86
CA MET A 84 -1.71 1.86 21.24
C MET A 84 -0.54 1.44 20.40
N LEU A 85 -0.25 0.15 20.50
CA LEU A 85 0.93 -0.46 19.94
C LEU A 85 0.59 -1.61 18.99
N ILE A 86 1.24 -1.64 17.85
CA ILE A 86 1.14 -2.74 16.92
C ILE A 86 2.57 -3.19 16.51
N GLN A 87 2.87 -4.47 16.73
CA GLN A 87 4.15 -5.08 16.45
C GLN A 87 4.08 -5.91 15.17
N ASN A 88 4.76 -5.43 14.11
CA ASN A 88 4.61 -6.01 12.79
C ASN A 88 6.00 -6.52 12.33
N GLU A 89 6.01 -7.32 11.25
CA GLU A 89 7.23 -7.80 10.57
C GLU A 89 8.07 -6.56 10.14
N TYR A 90 9.39 -6.62 10.41
CA TYR A 90 10.27 -5.55 10.01
C TYR A 90 10.75 -5.80 8.54
N CYS A 91 10.67 -4.79 7.69
CA CYS A 91 11.14 -4.99 6.34
C CYS A 91 12.35 -4.14 6.23
N ASN A 92 13.51 -4.76 6.12
CA ASN A 92 14.75 -4.01 6.18
C ASN A 92 15.12 -3.14 4.95
N GLY A 93 14.33 -3.20 3.87
CA GLY A 93 14.60 -2.38 2.67
C GLY A 93 13.87 -1.03 2.64
N GLY A 94 13.11 -0.72 3.66
CA GLY A 94 12.42 0.58 3.66
C GLY A 94 11.13 0.48 2.83
N SER A 95 10.58 1.63 2.46
CA SER A 95 9.36 1.65 1.62
C SER A 95 9.80 1.87 0.16
N LEU A 96 8.87 1.60 -0.73
CA LEU A 96 8.95 1.92 -2.13
C LEU A 96 9.10 3.40 -2.35
N ALA A 97 8.40 4.23 -1.58
CA ALA A 97 8.65 5.67 -1.64
C ALA A 97 10.17 6.02 -1.54
N ASP A 98 10.91 5.42 -0.62
CA ASP A 98 12.33 5.84 -0.51
C ASP A 98 13.16 5.30 -1.65
N ALA A 99 12.87 4.06 -2.08
CA ALA A 99 13.61 3.55 -3.18
C ALA A 99 13.34 4.44 -4.48
N ILE A 100 12.08 4.84 -4.72
CA ILE A 100 11.71 5.70 -5.81
C ILE A 100 12.37 7.07 -5.77
N SER A 101 12.39 7.64 -4.59
CA SER A 101 12.98 8.93 -4.38
C SER A 101 14.54 8.84 -4.54
N GLU A 102 15.17 7.78 -4.05
CA GLU A 102 16.60 7.65 -4.41
C GLU A 102 16.85 7.50 -5.95
N ASN A 103 16.01 6.68 -6.63
CA ASN A 103 16.06 6.49 -8.09
C ASN A 103 15.94 7.81 -8.86
N TYR A 104 15.01 8.63 -8.35
CA TYR A 104 14.74 9.93 -8.85
C TYR A 104 16.04 10.78 -8.84
N ARG A 105 16.85 10.71 -7.79
CA ARG A 105 18.05 11.52 -7.73
C ARG A 105 19.15 10.95 -8.71
N ILE A 106 19.15 9.65 -8.91
CA ILE A 106 20.22 9.04 -9.70
C ILE A 106 19.85 8.88 -11.20
N MET A 107 18.56 9.17 -11.50
CA MET A 107 17.98 9.12 -12.86
C MET A 107 18.08 7.69 -13.36
N SER A 108 17.83 6.74 -12.45
CA SER A 108 17.88 5.33 -12.77
C SER A 108 16.70 4.62 -12.07
N TYR A 109 15.69 4.23 -12.85
CA TYR A 109 14.39 3.81 -12.35
C TYR A 109 14.24 2.30 -12.34
N PHE A 110 13.13 1.77 -11.88
CA PHE A 110 12.73 0.36 -12.13
C PHE A 110 12.57 0.12 -13.62
N LYS A 111 13.29 -0.87 -14.12
CA LYS A 111 13.11 -1.24 -15.51
C LYS A 111 11.86 -2.09 -15.68
N GLU A 112 11.51 -2.44 -16.93
CA GLU A 112 10.18 -2.95 -17.24
C GLU A 112 10.00 -4.26 -16.51
N ALA A 113 11.03 -5.12 -16.53
CA ALA A 113 11.03 -6.43 -15.82
C ALA A 113 10.82 -6.24 -14.32
N GLU A 114 11.37 -5.16 -13.74
CA GLU A 114 11.21 -4.92 -12.30
C GLU A 114 9.85 -4.27 -11.94
N LEU A 115 9.34 -3.47 -12.85
CA LEU A 115 7.96 -2.92 -12.75
C LEU A 115 6.92 -4.02 -12.79
N LYS A 116 7.14 -5.02 -13.66
CA LYS A 116 6.22 -6.16 -13.78
C LYS A 116 6.25 -6.97 -12.50
N ASP A 117 7.45 -7.13 -11.93
CA ASP A 117 7.63 -7.86 -10.69
C ASP A 117 6.93 -7.13 -9.53
N LEU A 118 7.17 -5.83 -9.43
CA LEU A 118 6.46 -4.96 -8.50
C LEU A 118 4.95 -5.13 -8.61
N LEU A 119 4.44 -4.94 -9.82
CA LEU A 119 3.00 -5.07 -10.12
C LEU A 119 2.43 -6.45 -9.76
N LEU A 120 3.11 -7.51 -10.18
CA LEU A 120 2.68 -8.86 -9.89
C LEU A 120 2.65 -9.14 -8.34
N GLN A 121 3.72 -8.84 -7.61
CA GLN A 121 3.83 -9.08 -6.19
C GLN A 121 2.76 -8.35 -5.43
N VAL A 122 2.58 -7.05 -5.72
CA VAL A 122 1.59 -6.26 -5.02
C VAL A 122 0.18 -6.70 -5.44
N GLY A 123 -0.02 -6.96 -6.73
CA GLY A 123 -1.21 -7.57 -7.26
C GLY A 123 -1.64 -8.84 -6.51
N ARG A 124 -0.69 -9.72 -6.16
CA ARG A 124 -0.95 -10.91 -5.35
C ARG A 124 -1.37 -10.54 -3.94
N GLY A 125 -0.71 -9.58 -3.31
CA GLY A 125 -1.21 -8.99 -2.10
C GLY A 125 -2.65 -8.49 -2.15
N LEU A 126 -2.97 -7.62 -3.11
CA LEU A 126 -4.37 -7.21 -3.31
C LEU A 126 -5.32 -8.37 -3.52
N ARG A 127 -4.85 -9.37 -4.25
CA ARG A 127 -5.73 -10.46 -4.58
C ARG A 127 -6.09 -11.13 -3.27
N TYR A 128 -5.08 -11.34 -2.41
CA TYR A 128 -5.31 -11.89 -1.05
C TYR A 128 -6.24 -10.99 -0.21
N ILE A 129 -5.90 -9.69 -0.07
CA ILE A 129 -6.84 -8.76 0.61
C ILE A 129 -8.24 -8.88 0.05
N HIS A 130 -8.39 -8.76 -1.27
CA HIS A 130 -9.70 -8.69 -1.83
C HIS A 130 -10.52 -9.99 -1.65
N SER A 131 -9.84 -11.16 -1.50
CA SER A 131 -10.54 -12.44 -1.37
C SER A 131 -11.06 -12.55 0.08
N MET A 132 -10.47 -11.81 1.03
CA MET A 132 -10.98 -11.67 2.40
C MET A 132 -12.09 -10.68 2.53
N SER A 133 -12.64 -10.22 1.39
CA SER A 133 -13.78 -9.25 1.30
C SER A 133 -13.48 -7.89 1.93
N LEU A 134 -12.22 -7.56 1.81
CA LEU A 134 -11.58 -6.36 2.35
C LEU A 134 -10.99 -5.55 1.20
N VAL A 135 -10.86 -4.23 1.40
CA VAL A 135 -10.15 -3.36 0.47
C VAL A 135 -9.15 -2.52 1.30
N HIS A 136 -8.02 -2.22 0.67
CA HIS A 136 -6.95 -1.51 1.35
C HIS A 136 -7.19 0.02 1.47
N MET A 137 -7.56 0.67 0.36
CA MET A 137 -7.96 2.10 0.31
C MET A 137 -6.85 3.14 0.51
N ASP A 138 -5.58 2.70 0.63
CA ASP A 138 -4.47 3.64 0.73
C ASP A 138 -3.20 3.04 0.08
N ILE A 139 -3.39 2.39 -1.05
CA ILE A 139 -2.24 1.88 -1.80
C ILE A 139 -1.40 3.06 -2.37
N LYS A 140 -0.10 3.08 -2.06
CA LYS A 140 0.84 4.13 -2.55
C LYS A 140 2.26 3.63 -2.12
N PRO A 141 3.34 4.16 -2.78
CA PRO A 141 4.71 3.68 -2.49
C PRO A 141 5.14 3.74 -1.00
N SER A 142 4.68 4.71 -0.22
CA SER A 142 5.04 4.76 1.18
C SER A 142 4.37 3.64 2.01
N ASN A 143 3.35 2.92 1.48
CA ASN A 143 2.69 1.84 2.20
C ASN A 143 3.12 0.48 1.60
N ILE A 144 4.15 0.49 0.78
CA ILE A 144 4.69 -0.76 0.21
C ILE A 144 6.10 -0.87 0.78
N PHE A 145 6.40 -2.00 1.40
CA PHE A 145 7.69 -2.24 2.06
C PHE A 145 8.51 -3.30 1.37
N ILE A 146 9.82 -3.15 1.43
CA ILE A 146 10.78 -3.96 0.70
C ILE A 146 11.56 -4.79 1.73
N SER A 147 11.62 -6.10 1.51
CA SER A 147 12.37 -7.03 2.33
C SER A 147 13.53 -7.57 1.48
N LYS A 168 15.97 -12.43 -4.06
CA LYS A 168 14.68 -11.83 -4.48
C LYS A 168 14.32 -10.60 -3.59
N VAL A 169 14.11 -9.42 -4.17
CA VAL A 169 13.39 -8.41 -3.41
C VAL A 169 11.91 -8.84 -3.27
N MET A 170 11.38 -8.61 -2.07
CA MET A 170 9.98 -8.84 -1.78
C MET A 170 9.26 -7.53 -1.52
N PHE A 171 8.14 -7.37 -2.19
CA PHE A 171 7.29 -6.24 -1.88
C PHE A 171 6.14 -6.73 -1.04
N LYS A 172 5.85 -5.99 0.03
CA LYS A 172 4.77 -6.31 0.93
C LYS A 172 3.92 -5.05 1.17
N ILE A 173 2.62 -5.21 1.01
CA ILE A 173 1.72 -4.18 1.39
C ILE A 173 1.66 -3.99 2.93
N GLY A 174 1.77 -2.75 3.40
CA GLY A 174 1.57 -2.50 4.80
C GLY A 174 0.65 -1.33 5.02
N ASP A 175 0.68 -0.78 6.23
CA ASP A 175 -0.21 0.31 6.65
C ASP A 175 -1.70 0.00 6.36
N LEU A 176 -2.31 -0.82 7.24
CA LEU A 176 -3.68 -1.23 7.02
C LEU A 176 -4.66 -0.26 7.65
N GLY A 177 -4.23 0.98 7.89
CA GLY A 177 -5.07 2.08 8.48
C GLY A 177 -6.36 2.46 7.73
N HIS A 178 -6.54 2.15 6.44
CA HIS A 178 -7.75 2.55 5.73
C HIS A 178 -8.52 1.32 5.35
N VAL A 179 -8.06 0.14 5.78
CA VAL A 179 -8.70 -1.12 5.37
C VAL A 179 -10.17 -1.07 5.79
N THR A 180 -11.04 -1.47 4.84
CA THR A 180 -12.46 -1.58 5.15
C THR A 180 -13.07 -2.83 4.45
N ARG A 181 -14.20 -3.33 4.94
CA ARG A 181 -14.94 -4.37 4.15
C ARG A 181 -15.37 -3.82 2.77
N ILE A 182 -15.40 -4.73 1.80
CA ILE A 182 -15.56 -4.38 0.40
C ILE A 182 -16.91 -3.70 0.09
N SER A 183 -17.97 -4.01 0.87
CA SER A 183 -19.30 -3.42 0.64
C SER A 183 -19.63 -2.32 1.69
N SER A 184 -18.61 -1.76 2.36
CA SER A 184 -18.82 -0.67 3.31
C SER A 184 -19.57 0.49 2.68
N PRO A 185 -20.61 1.01 3.38
CA PRO A 185 -21.27 2.22 2.86
C PRO A 185 -20.48 3.49 3.20
N GLN A 186 -19.50 3.40 4.10
CA GLN A 186 -18.63 4.52 4.46
C GLN A 186 -17.19 4.13 4.36
N VAL A 187 -16.43 5.04 3.79
CA VAL A 187 -15.03 4.79 3.47
C VAL A 187 -14.25 6.03 3.90
N GLU A 188 -13.16 5.85 4.60
CA GLU A 188 -12.16 6.90 4.69
C GLU A 188 -11.19 6.85 3.45
N GLU A 189 -11.25 7.87 2.62
CA GLU A 189 -10.49 7.85 1.37
C GLU A 189 -8.96 8.00 1.66
N GLY A 190 -8.11 7.32 0.89
CA GLY A 190 -6.70 7.47 1.10
C GLY A 190 -6.15 8.68 0.33
N ASP A 191 -4.81 8.68 0.20
CA ASP A 191 -4.06 9.79 -0.34
C ASP A 191 -4.70 10.24 -1.63
N SER A 192 -4.99 11.55 -1.78
CA SER A 192 -5.62 12.07 -3.01
C SER A 192 -4.80 11.88 -4.31
N ARG A 193 -3.47 11.78 -4.21
CA ARG A 193 -2.59 11.50 -5.37
C ARG A 193 -2.94 10.16 -6.03
N PHE A 194 -3.48 9.22 -5.22
CA PHE A 194 -3.67 7.87 -5.67
C PHE A 194 -5.15 7.54 -5.68
N LEU A 195 -5.98 8.54 -5.43
CA LEU A 195 -7.40 8.33 -5.17
C LEU A 195 -8.17 8.24 -6.51
N ALA A 196 -8.91 7.13 -6.73
CA ALA A 196 -9.83 7.08 -7.90
C ALA A 196 -10.98 8.08 -7.70
N ASN A 197 -11.42 8.72 -8.81
CA ASN A 197 -12.46 9.71 -8.79
C ASN A 197 -13.79 9.24 -8.23
N GLU A 198 -14.15 8.00 -8.52
CA GLU A 198 -15.45 7.50 -8.12
C GLU A 198 -15.49 7.45 -6.60
N VAL A 199 -14.33 7.17 -5.94
CA VAL A 199 -14.27 7.16 -4.44
C VAL A 199 -14.41 8.61 -3.93
N LEU A 200 -13.74 9.57 -4.59
CA LEU A 200 -13.98 10.96 -4.32
C LEU A 200 -15.47 11.34 -4.47
N GLN A 201 -16.13 10.80 -5.48
CA GLN A 201 -17.57 11.07 -5.71
C GLN A 201 -18.46 10.27 -4.78
N GLU A 202 -17.84 9.64 -3.78
CA GLU A 202 -18.53 8.79 -2.80
C GLU A 202 -19.33 7.66 -3.42
N ASN A 203 -18.82 7.07 -4.49
CA ASN A 203 -19.45 5.94 -5.13
C ASN A 203 -18.60 4.69 -4.92
N TYR A 204 -19.15 3.79 -4.11
CA TYR A 204 -18.41 2.74 -3.42
C TYR A 204 -18.82 1.38 -3.90
N THR A 205 -19.36 1.39 -5.09
CA THR A 205 -19.92 0.25 -5.70
C THR A 205 -18.83 -0.77 -6.16
N HIS A 206 -17.59 -0.30 -6.41
CA HIS A 206 -16.52 -1.16 -6.89
C HIS A 206 -15.21 -0.91 -6.21
N LEU A 207 -15.21 -0.97 -4.85
CA LEU A 207 -14.04 -0.50 -4.10
C LEU A 207 -12.76 -1.22 -4.42
N PRO A 208 -12.82 -2.56 -4.70
CA PRO A 208 -11.56 -3.24 -5.13
C PRO A 208 -10.84 -2.55 -6.28
N LYS A 209 -11.56 -2.00 -7.22
CA LYS A 209 -10.97 -1.31 -8.37
C LYS A 209 -10.29 0.06 -8.04
N ALA A 210 -10.64 0.62 -6.87
CA ALA A 210 -9.87 1.72 -6.29
C ALA A 210 -8.42 1.34 -5.95
N ASP A 211 -8.24 0.13 -5.41
CA ASP A 211 -6.89 -0.36 -5.11
C ASP A 211 -6.10 -0.61 -6.40
N ILE A 212 -6.81 -1.10 -7.42
CA ILE A 212 -6.23 -1.35 -8.73
C ILE A 212 -5.71 -0.03 -9.36
N PHE A 213 -6.57 0.99 -9.35
CA PHE A 213 -6.22 2.34 -9.83
C PHE A 213 -4.96 2.85 -9.12
N ALA A 214 -4.91 2.69 -7.78
CA ALA A 214 -3.79 3.26 -6.98
C ALA A 214 -2.53 2.47 -7.22
N LEU A 215 -2.67 1.15 -7.46
CA LEU A 215 -1.54 0.31 -7.77
C LEU A 215 -0.92 0.72 -9.12
N ALA A 216 -1.74 0.97 -10.14
CA ALA A 216 -1.17 1.44 -11.43
C ALA A 216 -0.30 2.70 -11.23
N LEU A 217 -0.82 3.67 -10.48
CA LEU A 217 -0.11 4.93 -10.21
C LEU A 217 1.14 4.72 -9.39
N THR A 218 1.07 3.79 -8.46
CA THR A 218 2.25 3.35 -7.72
C THR A 218 3.36 2.86 -8.68
N VAL A 219 3.00 2.02 -9.65
CA VAL A 219 3.90 1.47 -10.65
C VAL A 219 4.44 2.59 -11.57
N VAL A 220 3.57 3.53 -11.94
CA VAL A 220 3.96 4.71 -12.67
C VAL A 220 5.07 5.52 -11.96
N CYS A 221 4.97 5.71 -10.63
CA CYS A 221 5.93 6.46 -9.83
C CYS A 221 7.25 5.71 -9.80
N ALA A 222 7.16 4.39 -9.56
CA ALA A 222 8.35 3.45 -9.68
C ALA A 222 9.05 3.47 -11.06
N ALA A 223 8.31 3.72 -12.12
CA ALA A 223 8.79 3.93 -13.50
C ALA A 223 9.53 5.25 -13.75
N GLY A 224 9.53 6.14 -12.75
CA GLY A 224 10.28 7.37 -12.85
C GLY A 224 9.45 8.63 -13.06
N ALA A 225 8.12 8.54 -12.99
CA ALA A 225 7.23 9.70 -13.15
C ALA A 225 7.57 10.84 -12.16
N GLU A 226 7.15 12.05 -12.50
CA GLU A 226 7.15 13.21 -11.60
C GLU A 226 6.17 12.97 -10.45
N PRO A 227 6.38 13.65 -9.29
CA PRO A 227 5.44 13.64 -8.17
C PRO A 227 4.03 13.80 -8.72
N LEU A 228 3.12 12.93 -8.32
CA LEU A 228 1.74 13.05 -8.73
C LEU A 228 1.07 14.27 -8.13
N PRO A 229 0.11 14.86 -8.89
CA PRO A 229 -0.65 16.02 -8.43
C PRO A 229 -1.69 15.62 -7.38
N ARG A 230 -2.01 16.58 -6.53
CA ARG A 230 -2.97 16.39 -5.50
C ARG A 230 -4.35 16.88 -5.83
N ASN A 231 -4.46 17.89 -6.69
CA ASN A 231 -5.72 18.47 -7.14
C ASN A 231 -5.47 19.12 -8.49
N GLY A 232 -6.39 19.96 -8.93
CA GLY A 232 -6.17 20.78 -10.14
C GLY A 232 -6.31 19.99 -11.42
N ASP A 233 -5.94 20.63 -12.53
CA ASP A 233 -6.12 20.04 -13.88
C ASP A 233 -5.29 18.77 -14.20
N GLN A 234 -4.01 18.72 -13.82
CA GLN A 234 -3.30 17.43 -13.96
C GLN A 234 -4.04 16.26 -13.19
N TRP A 235 -4.57 16.51 -12.00
CA TRP A 235 -5.25 15.44 -11.21
C TRP A 235 -6.42 14.91 -12.06
N HIS A 236 -7.26 15.82 -12.54
CA HIS A 236 -8.42 15.44 -13.29
C HIS A 236 -8.11 14.69 -14.54
N GLU A 237 -7.12 15.15 -15.27
CA GLU A 237 -6.60 14.49 -16.48
C GLU A 237 -6.25 12.99 -16.31
N ILE A 238 -5.49 12.63 -15.27
CA ILE A 238 -5.24 11.23 -14.92
C ILE A 238 -6.58 10.48 -14.68
N ARG A 239 -7.53 11.16 -14.11
CA ARG A 239 -8.75 10.46 -13.74
C ARG A 239 -9.66 10.29 -15.00
N GLN A 240 -9.30 10.97 -16.08
CA GLN A 240 -9.79 10.66 -17.43
C GLN A 240 -9.16 9.38 -18.05
N GLY A 241 -8.21 8.74 -17.37
CA GLY A 241 -7.46 7.61 -17.90
C GLY A 241 -6.21 7.89 -18.71
N ARG A 242 -5.62 9.09 -18.60
CA ARG A 242 -4.33 9.38 -19.22
C ARG A 242 -3.16 9.15 -18.22
N LEU A 243 -2.30 8.20 -18.54
CA LEU A 243 -1.11 7.91 -17.76
C LEU A 243 -0.19 9.10 -17.72
N PRO A 244 0.38 9.40 -16.53
CA PRO A 244 1.38 10.46 -16.48
C PRO A 244 2.59 10.05 -17.34
N ARG A 245 3.34 11.02 -17.82
CA ARG A 245 4.60 10.76 -18.50
C ARG A 245 5.61 9.90 -17.70
N ILE A 246 6.15 8.88 -18.37
CA ILE A 246 7.12 7.93 -17.82
C ILE A 246 8.41 8.17 -18.62
N PRO A 247 9.51 8.52 -17.96
CA PRO A 247 10.78 8.81 -18.61
C PRO A 247 11.53 7.54 -19.08
N GLN A 248 10.88 6.55 -19.65
CA GLN A 248 11.60 5.43 -20.24
C GLN A 248 10.61 4.78 -21.18
N VAL A 249 11.10 3.91 -22.06
CA VAL A 249 10.28 3.30 -23.10
C VAL A 249 9.81 1.99 -22.56
N LEU A 250 8.49 1.79 -22.56
CA LEU A 250 7.93 0.54 -22.08
C LEU A 250 7.21 -0.19 -23.26
N SER A 251 7.10 -1.51 -23.22
CA SER A 251 6.31 -2.22 -24.22
C SER A 251 4.90 -1.59 -24.31
N GLN A 252 4.31 -1.59 -25.50
CA GLN A 252 2.93 -1.18 -25.67
C GLN A 252 2.00 -1.96 -24.77
N GLU A 253 2.24 -3.26 -24.64
CA GLU A 253 1.38 -4.17 -23.95
C GLU A 253 1.38 -3.86 -22.47
N PHE A 254 2.52 -3.43 -21.95
CA PHE A 254 2.63 -3.09 -20.55
C PHE A 254 1.97 -1.73 -20.28
N THR A 255 2.20 -0.75 -21.16
CA THR A 255 1.63 0.57 -21.04
C THR A 255 0.10 0.53 -21.12
N GLU A 256 -0.40 -0.35 -22.00
CA GLU A 256 -1.81 -0.59 -22.20
C GLU A 256 -2.48 -1.24 -20.95
N LEU A 257 -1.78 -2.16 -20.28
CA LEU A 257 -2.26 -2.68 -19.00
C LEU A 257 -2.35 -1.57 -17.92
N LEU A 258 -1.29 -0.79 -17.71
CA LEU A 258 -1.32 0.32 -16.73
C LEU A 258 -2.46 1.32 -16.97
N LYS A 259 -2.67 1.63 -18.24
CA LYS A 259 -3.71 2.53 -18.68
C LYS A 259 -5.07 1.96 -18.46
N VAL A 260 -5.34 0.68 -18.80
CA VAL A 260 -6.65 0.15 -18.39
C VAL A 260 -6.90 0.12 -16.88
N MET A 261 -5.83 -0.03 -16.09
CA MET A 261 -5.92 -0.03 -14.62
C MET A 261 -6.41 1.33 -14.05
N ILE A 262 -6.20 2.41 -14.82
CA ILE A 262 -6.71 3.77 -14.47
C ILE A 262 -7.94 4.23 -15.32
N HIS A 263 -8.58 3.26 -15.97
CA HIS A 263 -9.81 3.57 -16.69
C HIS A 263 -10.82 4.28 -15.80
N PRO A 264 -11.45 5.39 -16.31
CA PRO A 264 -12.48 6.15 -15.64
C PRO A 264 -13.63 5.27 -15.21
N ASP A 265 -13.90 4.21 -15.98
CA ASP A 265 -14.88 3.24 -15.61
C ASP A 265 -14.25 2.13 -14.77
N PRO A 266 -14.52 2.12 -13.43
CA PRO A 266 -13.84 1.08 -12.63
C PRO A 266 -14.08 -0.34 -13.11
N GLU A 267 -15.24 -0.60 -13.75
CA GLU A 267 -15.52 -1.94 -14.24
C GLU A 267 -14.53 -2.41 -15.30
N ARG A 268 -13.94 -1.47 -16.02
CA ARG A 268 -13.02 -1.74 -17.12
C ARG A 268 -11.65 -2.15 -16.60
N ARG A 269 -11.38 -1.73 -15.36
CA ARG A 269 -10.12 -2.04 -14.68
C ARG A 269 -10.07 -3.53 -14.37
N PRO A 270 -8.86 -4.14 -14.47
CA PRO A 270 -8.82 -5.59 -14.11
C PRO A 270 -9.03 -5.78 -12.61
N SER A 271 -9.67 -6.89 -12.26
CA SER A 271 -9.58 -7.36 -10.87
C SER A 271 -8.12 -7.77 -10.57
N ALA A 272 -7.81 -7.92 -9.28
CA ALA A 272 -6.52 -8.33 -8.84
C ALA A 272 -6.22 -9.75 -9.31
N MET A 273 -7.26 -10.58 -9.38
CA MET A 273 -7.09 -11.92 -9.89
C MET A 273 -6.79 -11.90 -11.40
N ALA A 274 -7.57 -11.13 -12.17
CA ALA A 274 -7.26 -10.92 -13.59
C ALA A 274 -5.85 -10.29 -13.85
N LEU A 275 -5.43 -9.38 -12.98
CA LEU A 275 -4.09 -8.81 -13.02
C LEU A 275 -2.98 -9.84 -12.83
N VAL A 276 -3.04 -10.61 -11.75
CA VAL A 276 -2.07 -11.73 -11.51
C VAL A 276 -1.97 -12.80 -12.58
N LYS A 277 -3.08 -13.11 -13.27
CA LYS A 277 -3.11 -14.07 -14.45
C LYS A 277 -2.85 -13.43 -15.82
N HIS A 278 -2.62 -12.11 -15.84
CA HIS A 278 -2.52 -11.39 -17.07
C HIS A 278 -1.28 -11.89 -17.84
N SER A 279 -1.43 -12.11 -19.14
CA SER A 279 -0.33 -12.61 -19.94
C SER A 279 0.87 -11.63 -19.91
N VAL A 280 0.63 -10.31 -19.93
CA VAL A 280 1.77 -9.38 -19.84
C VAL A 280 2.70 -9.68 -18.60
N LEU A 281 2.10 -10.15 -17.54
CA LEU A 281 2.81 -10.47 -16.30
C LEU A 281 3.32 -11.94 -16.26
CL CL B . 3.95 7.70 -1.47
C26 61E C . 16.17 2.93 3.11
N3 61E C . 15.39 3.72 4.10
C25 61E C . 15.98 5.12 4.08
C24 61E C . 15.29 3.02 5.46
C23 61E C . 14.80 3.96 6.63
C22 61E C . 13.35 3.66 7.17
O4 61E C . 13.12 2.19 7.06
C20 61E C . 11.87 1.68 7.37
C18 61E C . 10.77 2.51 7.75
C19 61E C . 11.77 0.27 7.33
O3 61E C . 12.75 -0.41 6.96
C17 61E C . 10.50 -0.32 7.62
C15 61E C . 9.42 0.49 8.04
C16 61E C . 9.54 1.90 8.09
N2 61E C . 8.35 2.40 8.48
C21 61E C . 7.98 3.87 8.66
C14 61E C . 7.51 1.43 8.72
C1 61E C . 6.14 1.52 9.07
C13 61E C . 8.13 0.19 8.45
C4 61E C . 7.37 -1.01 8.60
C5 61E C . 7.61 -2.40 8.44
O1 61E C . 8.69 -2.92 8.17
N1 61E C . 6.51 -3.16 8.72
C6 61E C . 5.56 -2.31 9.02
O2 61E C . 4.41 -2.69 9.30
C3 61E C . 6.02 -0.92 8.99
C2 61E C . 5.42 0.34 9.25
C7 61E C . 4.08 0.47 9.72
C12 61E C . 3.12 1.21 8.94
C11 61E C . 1.81 1.31 9.46
C10 61E C . 1.39 0.67 10.65
C9 61E C . 2.32 -0.05 11.44
C8 61E C . 3.68 -0.10 11.00
CL1 61E C . 4.69 -0.99 12.08
#